data_7T3S
#
_entry.id   7T3S
#
_cell.length_a   41.827
_cell.length_b   56.194
_cell.length_c   93.853
_cell.angle_alpha   90.000
_cell.angle_beta   90.000
_cell.angle_gamma   90.000
#
_symmetry.space_group_name_H-M   'P 21 21 21'
#
loop_
_entity.id
_entity.type
_entity.pdbx_description
1 polymer Cadherin-23
2 non-polymer 'CALCIUM ION'
3 non-polymer 'SODIUM ION'
4 water water
#
_entity_poly.entity_id   1
_entity_poly.type   'polypeptide(L)'
_entity_poly.pdbx_seq_one_letter_code
;MDINDNHPTWKDAPYYINLVEMTPPDSDVTTVVAVDPDLGENGTLVYSIHPPNKFYSLNSTTGKIRTTHVMLDRENPDPV
EAELMRKIIVSVTDCGRPPLKATSSATVFVNLLDLNDNDPTFRNLPFVAEILEGTPAGVSVYQVVAIDLDEGLNGLVSYR
MQVGMPRMDFVINSTSGVVTTTAELDRERIAEYQLRVVASDAGTPTKSSTSTLTVRVLDVNDELEHHHHHH
;
_entity_poly.pdbx_strand_id   A
#
# COMPACT_ATOMS: atom_id res chain seq x y z
N ASP A 2 10.67 -12.66 -48.40
CA ASP A 2 11.44 -11.47 -47.90
C ASP A 2 10.48 -10.32 -47.48
N ILE A 3 9.20 -10.31 -47.95
CA ILE A 3 8.19 -9.25 -47.62
C ILE A 3 7.65 -9.47 -46.20
N ASN A 4 7.64 -8.40 -45.40
CA ASN A 4 7.04 -8.36 -44.05
C ASN A 4 5.51 -8.41 -44.25
N ASP A 5 4.94 -9.64 -44.26
CA ASP A 5 3.52 -9.91 -44.66
C ASP A 5 2.52 -9.60 -43.53
N ASN A 6 2.96 -9.49 -42.26
CA ASN A 6 2.08 -9.35 -41.06
C ASN A 6 2.65 -8.41 -40.01
N HIS A 7 1.77 -7.76 -39.27
CA HIS A 7 2.07 -7.06 -38.00
C HIS A 7 2.10 -8.09 -36.91
N PRO A 8 2.80 -7.82 -35.77
CA PRO A 8 2.59 -8.59 -34.56
C PRO A 8 1.14 -8.35 -34.07
N THR A 9 0.53 -9.38 -33.48
CA THR A 9 -0.88 -9.43 -33.00
C THR A 9 -0.86 -9.87 -31.54
N TRP A 10 -1.43 -9.06 -30.61
CA TRP A 10 -1.50 -9.35 -29.13
C TRP A 10 -2.36 -10.60 -28.90
N LYS A 11 -2.10 -11.33 -27.82
CA LYS A 11 -2.69 -12.67 -27.54
C LYS A 11 -3.12 -12.75 -26.07
N ASP A 12 -4.44 -12.78 -25.81
CA ASP A 12 -5.08 -12.85 -24.45
C ASP A 12 -4.97 -11.49 -23.74
N ALA A 13 -5.01 -10.39 -24.48
CA ALA A 13 -4.94 -9.01 -23.96
C ALA A 13 -6.37 -8.47 -23.84
N PRO A 14 -6.69 -7.60 -22.83
CA PRO A 14 -5.74 -7.16 -21.82
C PRO A 14 -5.43 -8.26 -20.78
N TYR A 15 -4.36 -8.08 -20.03
CA TYR A 15 -3.84 -9.02 -18.99
C TYR A 15 -4.17 -8.47 -17.60
N TYR A 16 -4.67 -9.33 -16.72
CA TYR A 16 -5.04 -9.00 -15.31
C TYR A 16 -4.23 -9.90 -14.39
N ILE A 17 -3.56 -9.32 -13.42
CA ILE A 17 -2.56 -10.03 -12.60
C ILE A 17 -2.61 -9.53 -11.16
N ASN A 18 -2.48 -10.45 -10.21
CA ASN A 18 -2.37 -10.18 -8.76
C ASN A 18 -0.89 -10.15 -8.38
N LEU A 19 -0.50 -9.16 -7.58
CA LEU A 19 0.89 -9.00 -7.12
C LEU A 19 0.85 -8.46 -5.69
N VAL A 20 1.52 -9.14 -4.76
CA VAL A 20 1.67 -8.67 -3.36
C VAL A 20 2.59 -7.46 -3.40
N GLU A 21 2.33 -6.47 -2.56
CA GLU A 21 3.15 -5.24 -2.46
C GLU A 21 4.47 -5.60 -1.78
N MET A 22 5.50 -4.78 -1.99
CA MET A 22 6.88 -4.97 -1.46
C MET A 22 7.54 -6.24 -2.08
N THR A 23 6.86 -6.91 -3.02
CA THR A 23 7.41 -8.07 -3.78
C THR A 23 8.86 -7.74 -4.10
N PRO A 24 9.84 -8.67 -3.83
CA PRO A 24 11.25 -8.36 -3.96
C PRO A 24 11.65 -7.92 -5.36
N PRO A 25 12.85 -7.31 -5.55
CA PRO A 25 13.33 -6.97 -6.89
C PRO A 25 13.62 -8.23 -7.74
N ASP A 26 13.37 -8.09 -9.05
CA ASP A 26 13.53 -9.15 -10.10
C ASP A 26 12.71 -10.41 -9.73
N SER A 27 11.45 -10.20 -9.30
CA SER A 27 10.42 -11.23 -9.03
C SER A 27 9.45 -11.26 -10.21
N ASP A 28 9.12 -12.45 -10.72
CA ASP A 28 8.25 -12.63 -11.92
C ASP A 28 6.84 -12.09 -11.65
N VAL A 29 6.28 -11.33 -12.60
CA VAL A 29 4.91 -10.78 -12.56
C VAL A 29 4.02 -11.62 -13.50
N THR A 30 4.28 -11.52 -14.81
CA THR A 30 3.56 -12.24 -15.91
C THR A 30 4.43 -12.21 -17.16
N THR A 31 3.98 -12.87 -18.23
CA THR A 31 4.63 -12.90 -19.56
C THR A 31 3.61 -12.49 -20.61
N VAL A 32 3.75 -11.28 -21.15
CA VAL A 32 2.92 -10.79 -22.29
C VAL A 32 3.33 -11.60 -23.54
N VAL A 33 2.42 -11.81 -24.48
CA VAL A 33 2.67 -12.64 -25.69
C VAL A 33 1.97 -12.00 -26.89
N ALA A 34 2.70 -11.91 -28.01
CA ALA A 34 2.20 -11.44 -29.33
C ALA A 34 2.60 -12.49 -30.37
N VAL A 35 1.82 -12.60 -31.45
CA VAL A 35 2.03 -13.63 -32.52
C VAL A 35 2.29 -12.94 -33.89
N ASP A 36 3.18 -13.52 -34.68
CA ASP A 36 3.58 -13.07 -36.04
C ASP A 36 4.11 -14.27 -36.78
N PRO A 37 3.34 -14.86 -37.73
CA PRO A 37 3.76 -16.11 -38.39
C PRO A 37 4.86 -15.94 -39.45
N ASP A 38 5.30 -14.71 -39.71
CA ASP A 38 6.39 -14.39 -40.67
C ASP A 38 7.66 -15.09 -40.23
N LEU A 39 8.41 -15.64 -41.17
CA LEU A 39 9.71 -16.30 -40.90
C LEU A 39 10.81 -15.23 -40.92
N GLY A 40 11.97 -15.55 -40.33
CA GLY A 40 13.14 -14.66 -40.27
C GLY A 40 12.89 -13.47 -39.36
N GLU A 41 13.52 -12.34 -39.65
CA GLU A 41 13.44 -11.10 -38.84
C GLU A 41 12.06 -10.44 -39.01
N ASN A 42 11.31 -10.78 -40.08
CA ASN A 42 9.93 -10.29 -40.33
C ASN A 42 8.95 -10.79 -39.25
N GLY A 43 9.33 -11.79 -38.43
CA GLY A 43 8.51 -12.31 -37.31
C GLY A 43 9.25 -12.43 -35.97
N THR A 44 10.49 -11.92 -35.88
CA THR A 44 11.28 -11.86 -34.62
C THR A 44 10.77 -10.64 -33.82
N LEU A 45 10.27 -10.84 -32.58
CA LEU A 45 9.57 -9.78 -31.78
C LEU A 45 10.49 -9.13 -30.75
N VAL A 46 10.25 -7.85 -30.49
CA VAL A 46 10.92 -7.03 -29.46
C VAL A 46 9.82 -6.35 -28.65
N TYR A 47 9.62 -6.77 -27.41
CA TYR A 47 8.70 -6.14 -26.44
C TYR A 47 9.45 -4.98 -25.78
N SER A 48 8.71 -4.02 -25.25
CA SER A 48 9.23 -2.84 -24.50
C SER A 48 8.09 -2.18 -23.72
N ILE A 49 8.39 -1.67 -22.52
CA ILE A 49 7.45 -0.86 -21.68
C ILE A 49 7.58 0.59 -22.13
N HIS A 50 6.53 1.15 -22.73
CA HIS A 50 6.50 2.51 -23.32
C HIS A 50 5.11 3.10 -23.14
N PRO A 51 4.89 4.21 -22.37
CA PRO A 51 5.96 4.92 -21.64
C PRO A 51 6.63 4.06 -20.58
N PRO A 52 7.86 4.42 -20.12
CA PRO A 52 8.62 3.57 -19.20
C PRO A 52 8.01 3.58 -17.80
N ASN A 53 8.12 2.45 -17.10
CA ASN A 53 7.52 2.22 -15.76
C ASN A 53 8.66 1.83 -14.81
N LYS A 54 8.98 2.69 -13.84
CA LYS A 54 10.13 2.48 -12.90
C LYS A 54 9.88 1.27 -11.97
N PHE A 55 8.66 0.73 -11.90
CA PHE A 55 8.28 -0.39 -11.00
C PHE A 55 8.38 -1.73 -11.71
N TYR A 56 8.59 -1.75 -13.04
CA TYR A 56 8.65 -3.01 -13.83
C TYR A 56 9.72 -2.92 -14.93
N SER A 57 10.38 -4.05 -15.16
CA SER A 57 11.32 -4.28 -16.28
C SER A 57 10.80 -5.46 -17.12
N LEU A 58 11.24 -5.55 -18.36
CA LEU A 58 10.71 -6.48 -19.36
C LEU A 58 11.85 -7.05 -20.18
N ASN A 59 11.89 -8.37 -20.31
CA ASN A 59 12.83 -9.09 -21.20
C ASN A 59 12.37 -8.84 -22.65
N SER A 60 13.14 -8.05 -23.40
CA SER A 60 12.86 -7.65 -24.80
C SER A 60 12.46 -8.88 -25.62
N THR A 61 13.14 -10.02 -25.45
CA THR A 61 12.94 -11.23 -26.31
C THR A 61 11.81 -12.12 -25.74
N THR A 62 11.78 -12.41 -24.44
CA THR A 62 10.79 -13.37 -23.85
C THR A 62 9.45 -12.68 -23.53
N GLY A 63 9.39 -11.36 -23.50
CA GLY A 63 8.18 -10.58 -23.16
C GLY A 63 7.73 -10.87 -21.74
N LYS A 64 8.69 -11.13 -20.86
CA LYS A 64 8.46 -11.52 -19.45
C LYS A 64 8.79 -10.32 -18.56
N ILE A 65 7.77 -9.86 -17.83
CA ILE A 65 7.84 -8.68 -16.92
C ILE A 65 8.39 -9.12 -15.55
N ARG A 66 9.24 -8.28 -14.95
CA ARG A 66 9.79 -8.46 -13.59
C ARG A 66 9.65 -7.16 -12.82
N THR A 67 9.79 -7.23 -11.50
CA THR A 67 9.79 -6.07 -10.60
C THR A 67 11.23 -5.51 -10.54
N THR A 68 11.35 -4.27 -10.09
CA THR A 68 12.61 -3.51 -10.03
C THR A 68 13.00 -3.30 -8.58
N HIS A 69 14.10 -2.57 -8.34
CA HIS A 69 14.59 -2.18 -6.99
C HIS A 69 13.69 -1.06 -6.41
N VAL A 70 12.79 -0.50 -7.23
CA VAL A 70 11.70 0.40 -6.77
C VAL A 70 10.55 -0.49 -6.27
N MET A 71 10.43 -0.63 -4.94
CA MET A 71 9.39 -1.47 -4.31
C MET A 71 8.02 -0.89 -4.60
N LEU A 72 7.02 -1.77 -4.59
CA LEU A 72 5.60 -1.44 -4.82
C LEU A 72 4.95 -1.24 -3.44
N ASP A 73 4.30 -0.10 -3.24
CA ASP A 73 3.70 0.34 -1.96
C ASP A 73 2.22 0.62 -2.20
N ARG A 74 1.29 -0.17 -1.61
CA ARG A 74 -0.19 -0.04 -1.81
C ARG A 74 -0.68 1.28 -1.21
N GLU A 75 -0.01 1.76 -0.17
CA GLU A 75 -0.33 3.00 0.57
C GLU A 75 0.47 4.21 0.03
N ASN A 76 1.12 4.10 -1.15
CA ASN A 76 1.86 5.23 -1.77
C ASN A 76 0.84 6.33 -2.09
N PRO A 77 0.93 7.51 -1.43
CA PRO A 77 -0.09 8.54 -1.57
C PRO A 77 -0.12 9.24 -2.94
N ASP A 78 1.01 9.23 -3.68
CA ASP A 78 1.16 9.96 -4.98
C ASP A 78 0.24 9.33 -6.05
N PRO A 79 -0.74 10.10 -6.62
CA PRO A 79 -1.57 9.61 -7.74
C PRO A 79 -0.79 9.17 -9.01
N VAL A 80 0.32 9.86 -9.31
CA VAL A 80 1.19 9.56 -10.50
C VAL A 80 1.70 8.11 -10.38
N GLU A 81 2.24 7.74 -9.21
CA GLU A 81 2.86 6.42 -8.96
C GLU A 81 1.76 5.35 -8.84
N ALA A 82 0.77 5.57 -7.97
CA ALA A 82 -0.44 4.73 -7.78
C ALA A 82 -0.86 4.06 -9.10
N GLU A 83 -0.94 4.84 -10.18
CA GLU A 83 -1.36 4.37 -11.53
C GLU A 83 -0.25 3.51 -12.17
N LEU A 84 1.01 3.96 -12.14
CA LEU A 84 2.16 3.20 -12.71
C LEU A 84 2.25 1.80 -12.07
N MET A 85 2.13 1.74 -10.74
CA MET A 85 2.17 0.47 -9.96
C MET A 85 1.06 -0.50 -10.40
N ARG A 86 -0.08 -0.01 -10.90
CA ARG A 86 -1.29 -0.83 -11.21
C ARG A 86 -1.55 -0.96 -12.73
N LYS A 87 -0.79 -0.26 -13.60
CA LYS A 87 -1.03 -0.26 -15.07
C LYS A 87 0.32 -0.24 -15.83
N ILE A 88 0.60 -1.30 -16.61
CA ILE A 88 1.85 -1.45 -17.44
C ILE A 88 1.46 -1.45 -18.92
N ILE A 89 1.82 -0.40 -19.66
CA ILE A 89 1.52 -0.27 -21.12
C ILE A 89 2.74 -0.81 -21.89
N VAL A 90 2.50 -1.72 -22.82
CA VAL A 90 3.54 -2.55 -23.47
C VAL A 90 3.41 -2.41 -24.99
N SER A 91 4.53 -2.05 -25.64
CA SER A 91 4.70 -1.95 -27.10
C SER A 91 5.49 -3.16 -27.58
N VAL A 92 5.21 -3.64 -28.79
CA VAL A 92 5.94 -4.75 -29.45
C VAL A 92 6.19 -4.38 -30.90
N THR A 93 7.24 -4.93 -31.50
CA THR A 93 7.61 -4.71 -32.93
C THR A 93 8.31 -5.96 -33.47
N ASP A 94 8.24 -6.19 -34.78
CA ASP A 94 9.07 -7.19 -35.49
C ASP A 94 10.32 -6.45 -35.98
N CYS A 95 11.37 -7.18 -36.37
CA CYS A 95 12.68 -6.63 -36.84
C CYS A 95 12.77 -6.67 -38.37
N GLY A 96 11.62 -6.76 -39.07
CA GLY A 96 11.54 -6.85 -40.53
C GLY A 96 11.90 -5.54 -41.23
N ARG A 97 11.97 -5.57 -42.57
CA ARG A 97 12.25 -4.39 -43.42
C ARG A 97 11.01 -4.12 -44.30
N PRO A 98 10.18 -3.06 -44.02
CA PRO A 98 10.38 -2.15 -42.90
C PRO A 98 9.92 -2.77 -41.60
N PRO A 99 10.39 -2.28 -40.43
CA PRO A 99 9.92 -2.79 -39.14
C PRO A 99 8.47 -2.36 -38.83
N LEU A 100 7.63 -3.32 -38.41
CA LEU A 100 6.18 -3.11 -38.13
C LEU A 100 5.89 -3.32 -36.63
N LYS A 101 5.14 -2.38 -36.05
CA LYS A 101 4.56 -2.50 -34.69
C LYS A 101 3.19 -3.14 -34.81
N ALA A 102 2.67 -3.64 -33.71
CA ALA A 102 1.24 -3.97 -33.57
C ALA A 102 0.49 -2.64 -33.56
N THR A 103 -0.68 -2.59 -34.17
CA THR A 103 -1.45 -1.33 -34.42
C THR A 103 -1.93 -0.68 -33.10
N SER A 104 -1.73 -1.34 -31.96
CA SER A 104 -1.97 -0.76 -30.63
C SER A 104 -1.15 -1.51 -29.59
N SER A 105 -0.92 -0.87 -28.44
CA SER A 105 -0.20 -1.41 -27.27
C SER A 105 -1.11 -2.42 -26.56
N ALA A 106 -0.66 -2.96 -25.43
CA ALA A 106 -1.42 -3.88 -24.56
C ALA A 106 -1.21 -3.48 -23.12
N THR A 107 -2.28 -3.27 -22.36
CA THR A 107 -2.26 -2.87 -20.93
C THR A 107 -2.16 -4.14 -20.08
N VAL A 108 -1.27 -4.15 -19.08
CA VAL A 108 -1.25 -5.16 -17.99
C VAL A 108 -1.83 -4.46 -16.77
N PHE A 109 -2.96 -4.93 -16.28
CA PHE A 109 -3.63 -4.41 -15.07
C PHE A 109 -3.13 -5.22 -13.88
N VAL A 110 -2.34 -4.59 -13.02
CA VAL A 110 -1.82 -5.21 -11.77
C VAL A 110 -2.79 -4.86 -10.64
N ASN A 111 -3.20 -5.85 -9.87
CA ASN A 111 -3.94 -5.70 -8.60
C ASN A 111 -2.93 -5.85 -7.45
N LEU A 112 -2.67 -4.78 -6.67
CA LEU A 112 -1.69 -4.79 -5.53
C LEU A 112 -2.36 -5.35 -4.27
N LEU A 113 -1.95 -6.54 -3.86
CA LEU A 113 -2.45 -7.19 -2.63
C LEU A 113 -1.72 -6.57 -1.44
N ASP A 114 -2.43 -6.42 -0.33
CA ASP A 114 -2.03 -5.66 0.86
C ASP A 114 -1.27 -6.55 1.83
N LEU A 115 -0.21 -6.02 2.40
CA LEU A 115 0.49 -6.58 3.57
C LEU A 115 0.20 -5.67 4.74
N ASN A 116 0.27 -6.20 5.94
CA ASN A 116 0.19 -5.41 7.18
C ASN A 116 1.57 -4.79 7.41
N ASP A 117 2.01 -3.94 6.50
CA ASP A 117 3.38 -3.38 6.48
C ASP A 117 3.40 -2.03 7.21
N ASN A 118 2.22 -1.39 7.39
CA ASN A 118 2.06 -0.12 8.15
C ASN A 118 1.50 -0.40 9.55
N ASP A 119 1.91 0.42 10.53
CA ASP A 119 1.46 0.40 11.94
C ASP A 119 0.49 1.57 12.15
N PRO A 120 -0.32 1.58 13.25
CA PRO A 120 -1.18 2.72 13.52
C PRO A 120 -0.33 3.97 13.83
N THR A 121 -0.81 5.14 13.42
CA THR A 121 -0.18 6.46 13.69
C THR A 121 -1.27 7.39 14.28
N PHE A 122 -0.94 8.08 15.38
CA PHE A 122 -1.87 8.91 16.18
C PHE A 122 -2.13 10.26 15.48
N ARG A 123 -3.41 10.66 15.43
CA ARG A 123 -3.87 11.96 14.87
C ARG A 123 -3.83 13.04 15.96
N ASN A 124 -4.22 12.68 17.21
CA ASN A 124 -4.38 13.64 18.33
C ASN A 124 -3.49 13.25 19.53
N LEU A 125 -2.36 12.55 19.29
CA LEU A 125 -1.35 12.24 20.35
C LEU A 125 0.06 12.38 19.77
N PRO A 126 1.08 12.83 20.57
CA PRO A 126 0.88 13.19 22.00
C PRO A 126 0.09 14.50 22.22
N PHE A 127 -0.56 14.63 23.40
CA PHE A 127 -1.41 15.80 23.82
C PHE A 127 -1.41 15.95 25.35
N VAL A 128 -1.78 17.14 25.85
CA VAL A 128 -1.94 17.48 27.31
C VAL A 128 -3.41 17.87 27.57
N ALA A 129 -4.19 17.02 28.27
CA ALA A 129 -5.62 17.24 28.61
C ALA A 129 -5.72 18.05 29.91
N GLU A 130 -6.43 19.19 29.87
CA GLU A 130 -6.64 20.13 31.02
C GLU A 130 -7.91 19.71 31.76
N ILE A 131 -7.81 19.42 33.07
CA ILE A 131 -8.96 18.99 33.94
C ILE A 131 -8.86 19.71 35.30
N LEU A 132 -10.01 19.91 35.96
CA LEU A 132 -10.12 20.51 37.32
C LEU A 132 -10.31 19.37 38.33
N GLU A 133 -9.72 19.51 39.53
CA GLU A 133 -9.72 18.47 40.60
C GLU A 133 -11.17 18.24 41.09
N GLY A 134 -11.39 17.13 41.79
CA GLY A 134 -12.71 16.68 42.26
C GLY A 134 -13.61 16.29 41.10
N THR A 135 -13.03 15.83 39.97
CA THR A 135 -13.76 15.27 38.81
C THR A 135 -14.14 13.83 39.20
N PRO A 136 -15.46 13.49 39.38
CA PRO A 136 -15.85 12.14 39.80
C PRO A 136 -15.65 11.06 38.70
N ALA A 137 -15.75 9.77 39.06
CA ALA A 137 -15.50 8.59 38.19
C ALA A 137 -16.54 8.51 37.05
N GLY A 138 -16.18 7.87 35.93
CA GLY A 138 -17.05 7.66 34.75
C GLY A 138 -17.18 8.91 33.88
N VAL A 139 -16.24 9.86 33.97
CA VAL A 139 -16.19 11.12 33.16
C VAL A 139 -15.13 10.96 32.08
N SER A 140 -15.50 11.19 30.83
CA SER A 140 -14.57 11.17 29.67
C SER A 140 -13.76 12.46 29.69
N VAL A 141 -12.47 12.35 29.50
CA VAL A 141 -11.50 13.49 29.51
C VAL A 141 -10.98 13.71 28.08
N TYR A 142 -10.72 12.62 27.36
CA TYR A 142 -10.15 12.63 26.00
C TYR A 142 -10.73 11.46 25.20
N GLN A 143 -10.66 11.57 23.88
CA GLN A 143 -10.95 10.48 22.92
C GLN A 143 -9.75 10.38 21.99
N VAL A 144 -8.99 9.30 22.09
CA VAL A 144 -7.76 9.06 21.28
C VAL A 144 -8.19 8.61 19.90
N VAL A 145 -7.56 9.16 18.87
CA VAL A 145 -7.74 8.83 17.43
C VAL A 145 -6.36 8.48 16.85
N ALA A 146 -6.25 7.31 16.23
CA ALA A 146 -5.09 6.85 15.42
C ALA A 146 -5.63 6.16 14.16
N ILE A 147 -4.95 6.35 13.03
CA ILE A 147 -5.35 5.80 11.69
C ILE A 147 -4.26 4.81 11.22
N ASP A 148 -4.65 3.82 10.45
CA ASP A 148 -3.75 2.82 9.83
C ASP A 148 -4.09 2.77 8.34
N LEU A 149 -3.09 3.05 7.49
CA LEU A 149 -3.28 3.24 6.02
C LEU A 149 -3.51 1.91 5.31
N ASP A 150 -3.24 0.79 5.98
CA ASP A 150 -3.48 -0.57 5.45
C ASP A 150 -4.98 -0.78 5.18
N GLU A 151 -5.30 -1.88 4.50
CA GLU A 151 -6.64 -2.25 3.96
C GLU A 151 -7.34 -3.22 4.90
N GLY A 152 -8.66 -3.14 4.95
CA GLY A 152 -9.54 -4.04 5.73
C GLY A 152 -9.13 -4.14 7.17
N LEU A 153 -9.02 -5.37 7.67
CA LEU A 153 -8.69 -5.67 9.09
C LEU A 153 -7.31 -5.08 9.44
N ASN A 154 -6.37 -5.06 8.49
CA ASN A 154 -4.97 -4.55 8.70
C ASN A 154 -4.98 -3.04 9.04
N GLY A 155 -6.03 -2.30 8.68
CA GLY A 155 -6.16 -0.85 8.92
C GLY A 155 -7.11 -0.52 10.07
N LEU A 156 -7.74 -1.54 10.68
CA LEU A 156 -8.78 -1.34 11.73
C LEU A 156 -8.10 -1.16 13.10
N VAL A 157 -8.06 0.08 13.61
CA VAL A 157 -7.33 0.49 14.85
C VAL A 157 -8.22 0.30 16.09
N SER A 158 -7.69 -0.37 17.14
CA SER A 158 -8.29 -0.55 18.50
C SER A 158 -7.32 0.00 19.57
N TYR A 159 -7.79 0.30 20.79
CA TYR A 159 -7.02 1.07 21.84
C TYR A 159 -6.96 0.33 23.20
N ARG A 160 -5.76 0.29 23.81
CA ARG A 160 -5.44 -0.36 25.12
C ARG A 160 -4.43 0.50 25.88
N MET A 161 -4.29 0.29 27.19
CA MET A 161 -3.42 1.09 28.08
C MET A 161 -2.40 0.17 28.80
N GLN A 162 -1.77 0.65 29.90
CA GLN A 162 -0.77 -0.11 30.73
C GLN A 162 -0.35 0.74 31.94
N ASP A 169 -5.96 4.78 37.53
CA ASP A 169 -7.07 5.74 37.83
C ASP A 169 -7.92 6.06 36.56
N PHE A 170 -7.61 5.44 35.41
CA PHE A 170 -8.32 5.65 34.12
C PHE A 170 -8.51 4.32 33.39
N VAL A 171 -9.43 4.33 32.44
CA VAL A 171 -9.71 3.20 31.50
C VAL A 171 -10.03 3.80 30.12
N ILE A 172 -9.58 3.15 29.03
CA ILE A 172 -9.82 3.61 27.63
C ILE A 172 -10.67 2.55 26.93
N ASN A 173 -11.84 2.94 26.41
CA ASN A 173 -12.74 2.06 25.65
C ASN A 173 -12.04 1.69 24.34
N SER A 174 -11.82 0.41 24.12
CA SER A 174 -10.96 -0.14 23.04
C SER A 174 -11.51 0.14 21.65
N THR A 175 -12.82 0.30 21.51
CA THR A 175 -13.50 0.54 20.21
C THR A 175 -13.47 2.05 19.89
N SER A 176 -13.96 2.87 20.81
CA SER A 176 -14.17 4.33 20.62
C SER A 176 -12.85 5.12 20.78
N GLY A 177 -11.93 4.60 21.58
CA GLY A 177 -10.68 5.31 21.95
C GLY A 177 -10.95 6.39 22.99
N VAL A 178 -12.11 6.33 23.65
CA VAL A 178 -12.57 7.32 24.67
C VAL A 178 -11.83 6.99 25.96
N VAL A 179 -11.33 8.00 26.66
CA VAL A 179 -10.58 7.87 27.94
C VAL A 179 -11.48 8.35 29.08
N THR A 180 -11.83 7.43 29.98
CA THR A 180 -12.76 7.64 31.13
C THR A 180 -12.00 7.50 32.47
N THR A 181 -12.46 8.23 33.51
CA THR A 181 -11.92 8.22 34.90
C THR A 181 -12.51 7.03 35.69
N THR A 182 -11.82 6.59 36.76
CA THR A 182 -12.27 5.49 37.69
C THR A 182 -12.21 5.93 39.19
N ALA A 183 -11.97 7.23 39.49
CA ALA A 183 -11.85 7.77 40.88
C ALA A 183 -11.89 9.31 40.89
N GLU A 184 -12.31 9.90 42.03
CA GLU A 184 -12.33 11.36 42.28
C GLU A 184 -10.88 11.87 42.23
N LEU A 185 -10.55 12.76 41.28
CA LEU A 185 -9.16 13.25 41.05
C LEU A 185 -8.82 14.39 42.01
N ASP A 186 -7.63 14.34 42.62
CA ASP A 186 -7.14 15.26 43.69
C ASP A 186 -5.70 15.69 43.36
N ARG A 187 -5.40 17.00 43.50
CA ARG A 187 -4.04 17.59 43.25
C ARG A 187 -3.04 17.05 44.28
N GLU A 188 -3.48 16.78 45.52
CA GLU A 188 -2.63 16.33 46.66
C GLU A 188 -2.29 14.81 46.57
N ARG A 189 -3.04 14.00 45.80
CA ARG A 189 -2.72 12.54 45.60
C ARG A 189 -1.76 12.42 44.40
N ILE A 190 -2.25 12.71 43.18
CA ILE A 190 -1.47 12.74 41.89
C ILE A 190 -2.03 13.91 41.06
N ALA A 191 -1.18 14.92 40.78
CA ALA A 191 -1.54 16.17 40.04
C ALA A 191 -1.28 15.99 38.53
N GLU A 192 -0.43 15.02 38.15
CA GLU A 192 -0.03 14.74 36.74
C GLU A 192 0.08 13.22 36.53
N TYR A 193 -0.65 12.69 35.52
CA TYR A 193 -0.60 11.28 35.06
C TYR A 193 0.01 11.22 33.65
N GLN A 194 0.96 10.29 33.43
CA GLN A 194 1.49 9.93 32.07
C GLN A 194 0.87 8.59 31.70
N LEU A 195 0.04 8.55 30.65
CA LEU A 195 -0.74 7.34 30.25
C LEU A 195 -0.28 6.85 28.88
N ARG A 196 0.25 5.63 28.82
CA ARG A 196 0.77 5.03 27.59
C ARG A 196 -0.36 4.26 26.91
N VAL A 197 -0.99 4.90 25.93
CA VAL A 197 -2.07 4.35 25.10
C VAL A 197 -1.41 3.57 23.99
N VAL A 198 -1.71 2.27 23.87
CA VAL A 198 -1.20 1.39 22.78
C VAL A 198 -2.33 1.18 21.78
N ALA A 199 -2.17 1.69 20.55
CA ALA A 199 -3.07 1.51 19.40
C ALA A 199 -2.59 0.28 18.60
N SER A 200 -3.47 -0.73 18.44
CA SER A 200 -3.25 -1.98 17.66
C SER A 200 -4.19 -2.02 16.45
N ASP A 201 -3.81 -2.78 15.42
CA ASP A 201 -4.66 -3.09 14.24
C ASP A 201 -5.14 -4.53 14.41
N ALA A 202 -5.84 -5.08 13.40
CA ALA A 202 -6.45 -6.43 13.46
C ALA A 202 -5.73 -7.44 12.54
N GLY A 203 -4.44 -7.22 12.20
CA GLY A 203 -3.64 -8.18 11.42
C GLY A 203 -3.27 -9.39 12.28
N THR A 204 -3.05 -10.55 11.65
CA THR A 204 -2.72 -11.84 12.35
C THR A 204 -1.31 -11.74 13.00
N PRO A 205 -0.35 -10.95 12.42
CA PRO A 205 0.81 -10.48 13.17
C PRO A 205 0.53 -9.00 13.52
N THR A 206 -0.17 -8.77 14.63
CA THR A 206 -0.70 -7.44 15.06
C THR A 206 0.44 -6.42 15.21
N LYS A 207 0.25 -5.22 14.67
CA LYS A 207 1.21 -4.08 14.73
C LYS A 207 0.63 -3.01 15.65
N SER A 208 1.48 -2.49 16.54
CA SER A 208 1.10 -1.53 17.60
C SER A 208 1.91 -0.23 17.50
N SER A 209 1.54 0.76 18.28
CA SER A 209 2.08 2.13 18.25
C SER A 209 1.64 2.85 19.52
N THR A 210 2.59 3.33 20.34
CA THR A 210 2.33 3.92 21.68
C THR A 210 2.74 5.42 21.69
N SER A 211 1.96 6.25 22.41
CA SER A 211 2.19 7.71 22.62
C SER A 211 1.52 8.11 23.94
N THR A 212 1.94 9.23 24.54
CA THR A 212 1.56 9.63 25.93
C THR A 212 0.42 10.66 25.94
N LEU A 213 -0.63 10.39 26.75
CA LEU A 213 -1.70 11.36 27.11
C LEU A 213 -1.38 11.89 28.51
N THR A 214 -1.07 13.17 28.62
CA THR A 214 -0.62 13.85 29.87
C THR A 214 -1.79 14.63 30.48
N VAL A 215 -2.40 14.07 31.53
CA VAL A 215 -3.56 14.67 32.23
C VAL A 215 -3.05 15.57 33.36
N ARG A 216 -3.25 16.89 33.23
CA ARG A 216 -2.93 17.90 34.29
C ARG A 216 -4.25 18.27 35.01
N VAL A 217 -4.23 18.24 36.35
CA VAL A 217 -5.40 18.47 37.25
C VAL A 217 -5.48 19.98 37.59
#